data_7YXP
#
_entry.id   7YXP
#
_cell.length_a   178.060
_cell.length_b   178.060
_cell.length_c   178.060
_cell.angle_alpha   90.000
_cell.angle_beta   90.000
_cell.angle_gamma   90.000
#
_symmetry.space_group_name_H-M   'I 41 3 2'
#
loop_
_entity.id
_entity.type
_entity.pdbx_description
1 polymer 'Ancestral Glucocorticoid Receptor2'
2 polymer 'SHP NR Box 1 Peptide'
3 non-polymer DEXAMETHASONE
4 non-polymer 2-AMINO-2-HYDROXYMETHYL-PROPANE-1,3-DIOL
#
loop_
_entity_poly.entity_id
_entity_poly.type
_entity_poly.pdbx_seq_one_letter_code
_entity_poly.pdbx_strand_id
1 'polypeptide(L)'
;FPTLISLLEVIEPEVLYSGYDSTLPDTSTRLMSTLNRLGGRQVVSAVKWAKALPGFRNLHLDDQMTLLQYSWMSLMAFSL
GWRSYKQSNGNMLCFAPDLVINEERMQLPYMYDQCQQMLKISSEFVRLQVSYDEYLCMKVLLLLSTVPKDGLKSQAVFDE
IRMTYIKELGKAIVKREGNSSQNWQRFYQLTKLLDSMHEMVGGLLQFCFYTFVNKSLSVEFPEMLAEIISNQLPKFKAGS
VKPLLFHQ
;
A
2 'polypeptide(L)' SRPAILYALLSSS B
#
# COMPACT_ATOMS: atom_id res chain seq x y z
N PHE A 1 16.16 22.91 7.34
CA PHE A 1 14.97 23.82 7.30
C PHE A 1 14.24 23.64 5.97
N PRO A 2 13.18 22.79 5.86
CA PRO A 2 12.98 21.59 6.70
C PRO A 2 13.54 20.22 6.27
N THR A 3 13.69 19.30 7.25
CA THR A 3 14.10 17.95 6.86
C THR A 3 12.99 17.33 6.02
N LEU A 4 13.44 16.53 5.06
CA LEU A 4 12.58 15.70 4.24
C LEU A 4 11.84 14.70 5.10
N ILE A 5 12.49 14.14 6.13
CA ILE A 5 11.81 13.19 6.99
C ILE A 5 10.62 13.87 7.67
N SER A 6 10.79 15.14 8.05
CA SER A 6 9.71 15.86 8.70
C SER A 6 8.63 16.22 7.67
N LEU A 7 9.06 16.53 6.44
CA LEU A 7 8.13 16.72 5.35
C LEU A 7 7.27 15.46 5.13
N LEU A 8 7.87 14.28 5.35
CA LEU A 8 7.21 12.99 5.20
C LEU A 8 6.10 12.90 6.22
N GLU A 9 6.50 13.19 7.45
CA GLU A 9 5.64 13.16 8.61
C GLU A 9 4.37 13.99 8.29
N VAL A 10 4.51 15.15 7.60
CA VAL A 10 3.39 16.07 7.44
C VAL A 10 2.45 15.71 6.30
N ILE A 11 2.97 15.05 5.25
CA ILE A 11 2.16 14.84 4.06
C ILE A 11 1.29 13.62 4.24
N GLU A 12 1.69 12.74 5.17
CA GLU A 12 1.07 11.44 5.36
C GLU A 12 -0.43 11.61 5.56
N PRO A 13 -1.31 11.06 4.70
CA PRO A 13 -2.73 11.40 4.73
C PRO A 13 -3.43 10.91 6.00
N GLU A 14 -4.49 11.65 6.35
CA GLU A 14 -5.15 11.44 7.62
C GLU A 14 -5.87 10.10 7.56
N VAL A 15 -6.00 9.43 8.72
CA VAL A 15 -6.72 8.16 8.80
C VAL A 15 -8.16 8.39 8.35
N LEU A 16 -8.73 7.39 7.68
CA LEU A 16 -10.04 7.61 7.08
C LEU A 16 -11.10 6.82 7.83
N TYR A 17 -12.28 7.45 8.01
CA TYR A 17 -13.46 6.82 8.60
C TYR A 17 -14.29 6.13 7.52
N SER A 18 -14.87 4.96 7.84
CA SER A 18 -15.35 4.06 6.82
C SER A 18 -16.80 4.36 6.47
N GLY A 19 -17.47 5.04 7.40
CA GLY A 19 -18.87 5.37 7.25
C GLY A 19 -19.70 4.10 7.27
N TYR A 20 -19.19 3.07 7.95
CA TYR A 20 -19.80 1.76 7.91
C TYR A 20 -21.05 1.75 8.79
N ASP A 21 -22.16 1.30 8.19
CA ASP A 21 -23.37 1.08 8.96
C ASP A 21 -23.26 -0.23 9.72
N SER A 22 -22.82 -0.16 11.00
CA SER A 22 -22.42 -1.34 11.75
C SER A 22 -23.61 -2.00 12.46
N THR A 23 -24.80 -2.01 11.80
CA THR A 23 -25.93 -2.88 12.07
C THR A 23 -26.77 -3.06 10.80
N ASP A 26 -24.77 -8.44 9.13
CA ASP A 26 -23.31 -8.18 8.98
C ASP A 26 -22.75 -9.06 7.87
N THR A 27 -23.50 -9.17 6.76
CA THR A 27 -23.22 -10.13 5.70
C THR A 27 -21.84 -9.86 5.09
N SER A 28 -21.13 -10.92 4.69
CA SER A 28 -19.73 -10.75 4.35
C SER A 28 -19.53 -10.20 2.93
N THR A 29 -20.56 -10.28 2.09
CA THR A 29 -20.51 -9.55 0.82
C THR A 29 -20.44 -8.04 1.10
N ARG A 30 -21.31 -7.58 2.01
CA ARG A 30 -21.48 -6.17 2.29
C ARG A 30 -20.16 -5.63 2.82
N LEU A 31 -19.61 -6.34 3.80
CA LEU A 31 -18.46 -5.87 4.53
C LEU A 31 -17.29 -5.66 3.56
N MET A 32 -17.16 -6.58 2.61
CA MET A 32 -16.08 -6.51 1.66
C MET A 32 -16.39 -5.44 0.64
N SER A 33 -17.66 -5.29 0.33
CA SER A 33 -18.05 -4.22 -0.57
C SER A 33 -17.61 -2.92 0.07
N THR A 34 -17.71 -2.85 1.41
CA THR A 34 -17.46 -1.59 2.09
C THR A 34 -15.98 -1.31 2.06
N LEU A 35 -15.20 -2.29 2.49
CA LEU A 35 -13.75 -2.18 2.44
C LEU A 35 -13.32 -1.54 1.11
N ASN A 36 -13.97 -1.98 0.04
CA ASN A 36 -13.65 -1.52 -1.29
C ASN A 36 -13.95 -0.04 -1.44
N ARG A 37 -15.17 0.36 -1.06
CA ARG A 37 -15.60 1.75 -1.03
C ARG A 37 -14.57 2.58 -0.25
N LEU A 38 -14.22 2.13 0.95
CA LEU A 38 -13.23 2.81 1.76
C LEU A 38 -11.95 2.88 0.96
N GLY A 39 -11.43 1.70 0.58
CA GLY A 39 -10.16 1.56 -0.11
C GLY A 39 -10.00 2.52 -1.29
N GLY A 40 -11.10 2.83 -1.97
CA GLY A 40 -11.09 3.76 -3.10
C GLY A 40 -10.59 5.15 -2.71
N ARG A 41 -11.12 5.67 -1.60
CA ARG A 41 -10.82 7.02 -1.15
C ARG A 41 -9.41 7.02 -0.59
N GLN A 42 -9.06 5.90 0.03
CA GLN A 42 -7.76 5.70 0.65
C GLN A 42 -6.69 5.88 -0.41
N VAL A 43 -7.02 5.34 -1.56
CA VAL A 43 -6.11 5.32 -2.69
C VAL A 43 -6.11 6.69 -3.34
N VAL A 44 -7.29 7.33 -3.41
CA VAL A 44 -7.35 8.70 -3.90
C VAL A 44 -6.42 9.55 -3.05
N SER A 45 -6.44 9.35 -1.71
CA SER A 45 -5.63 10.08 -0.75
C SER A 45 -4.13 9.84 -0.96
N ALA A 46 -3.80 8.59 -1.34
CA ALA A 46 -2.42 8.20 -1.61
C ALA A 46 -1.88 8.86 -2.86
N VAL A 47 -2.79 9.20 -3.77
CA VAL A 47 -2.45 9.94 -4.96
C VAL A 47 -2.03 11.37 -4.64
N LYS A 48 -2.83 12.14 -3.88
CA LYS A 48 -2.35 13.46 -3.51
C LYS A 48 -0.98 13.29 -2.88
N TRP A 49 -0.88 12.30 -1.99
CA TRP A 49 0.32 12.02 -1.23
C TRP A 49 1.47 11.73 -2.17
N ALA A 50 1.15 11.21 -3.34
CA ALA A 50 2.19 10.94 -4.31
C ALA A 50 2.62 12.26 -4.96
N LYS A 51 1.64 13.02 -5.47
CA LYS A 51 1.87 14.33 -6.05
C LYS A 51 2.78 15.20 -5.17
N ALA A 52 2.74 14.98 -3.86
CA ALA A 52 3.46 15.85 -2.92
C ALA A 52 4.61 15.08 -2.27
N LEU A 53 4.94 13.91 -2.83
CA LEU A 53 6.26 13.37 -2.56
C LEU A 53 7.29 14.23 -3.26
N PRO A 54 8.39 14.54 -2.56
CA PRO A 54 9.50 15.26 -3.19
C PRO A 54 10.17 14.41 -4.27
N GLY A 55 10.11 14.84 -5.54
CA GLY A 55 10.82 14.15 -6.61
C GLY A 55 9.90 13.31 -7.49
N PHE A 56 8.65 13.21 -7.05
CA PHE A 56 7.65 12.41 -7.73
C PHE A 56 7.19 13.11 -9.01
N ARG A 57 7.05 14.44 -8.98
CA ARG A 57 6.48 15.14 -10.12
C ARG A 57 7.41 15.02 -11.34
N ASN A 58 8.72 14.83 -11.10
CA ASN A 58 9.68 14.78 -12.20
C ASN A 58 10.12 13.35 -12.52
N LEU A 59 9.37 12.35 -12.06
CA LEU A 59 9.30 11.09 -12.79
C LEU A 59 8.39 11.32 -13.99
N HIS A 60 8.18 10.28 -14.80
CA HIS A 60 7.38 10.50 -15.99
C HIS A 60 5.98 9.97 -15.79
N LEU A 61 4.96 10.80 -16.12
CA LEU A 61 3.54 10.52 -15.90
C LEU A 61 3.28 9.01 -15.90
N ASP A 62 3.90 8.30 -16.86
CA ASP A 62 3.70 6.88 -17.05
C ASP A 62 4.25 6.10 -15.86
N ASP A 63 5.45 6.45 -15.41
CA ASP A 63 6.04 5.83 -14.24
C ASP A 63 5.26 6.20 -12.96
N GLN A 64 4.53 7.32 -13.01
CA GLN A 64 3.70 7.78 -11.90
C GLN A 64 2.51 6.85 -11.79
N MET A 65 1.72 6.82 -12.88
CA MET A 65 0.64 5.87 -13.06
C MET A 65 1.16 4.51 -12.58
N THR A 66 2.22 4.07 -13.26
CA THR A 66 2.68 2.70 -13.21
C THR A 66 3.04 2.32 -11.78
N LEU A 67 3.84 3.19 -11.11
CA LEU A 67 4.30 2.85 -9.78
C LEU A 67 3.11 2.72 -8.82
N LEU A 68 2.19 3.69 -8.89
CA LEU A 68 0.97 3.71 -8.09
C LEU A 68 0.20 2.41 -8.38
N GLN A 69 -0.25 2.26 -9.63
CA GLN A 69 -1.03 1.14 -10.11
C GLN A 69 -0.50 -0.21 -9.61
N TYR A 70 0.83 -0.38 -9.53
CA TYR A 70 1.39 -1.68 -9.18
C TYR A 70 1.58 -1.77 -7.66
N SER A 71 1.71 -0.62 -7.01
CA SER A 71 2.13 -0.62 -5.62
C SER A 71 0.93 -0.39 -4.69
N TRP A 72 -0.22 -0.09 -5.30
CA TRP A 72 -1.31 0.50 -4.54
C TRP A 72 -1.79 -0.41 -3.42
N MET A 73 -1.99 -1.69 -3.72
CA MET A 73 -2.37 -2.62 -2.66
C MET A 73 -1.27 -2.70 -1.59
N SER A 74 -0.02 -2.81 -2.05
CA SER A 74 1.15 -2.86 -1.19
C SER A 74 1.10 -1.74 -0.15
N LEU A 75 0.66 -0.56 -0.61
CA LEU A 75 0.58 0.61 0.25
C LEU A 75 -0.52 0.40 1.29
N MET A 76 -1.75 0.21 0.78
CA MET A 76 -2.93 0.17 1.62
C MET A 76 -2.81 -0.95 2.64
N ALA A 77 -2.18 -2.05 2.23
CA ALA A 77 -2.05 -3.18 3.13
C ALA A 77 -1.02 -2.84 4.18
N PHE A 78 -0.04 -2.06 3.78
CA PHE A 78 1.05 -1.72 4.68
C PHE A 78 0.51 -0.78 5.75
N SER A 79 -0.21 0.25 5.29
CA SER A 79 -0.81 1.27 6.12
C SER A 79 -1.72 0.60 7.12
N LEU A 80 -2.45 -0.40 6.61
CA LEU A 80 -3.43 -1.11 7.41
C LEU A 80 -2.72 -1.90 8.49
N GLY A 81 -1.53 -2.40 8.17
CA GLY A 81 -0.67 -3.04 9.15
C GLY A 81 -0.28 -2.05 10.25
N TRP A 82 0.24 -0.90 9.81
CA TRP A 82 0.64 0.11 10.76
C TRP A 82 -0.52 0.44 11.72
N ARG A 83 -1.69 0.72 11.17
CA ARG A 83 -2.83 1.09 11.99
C ARG A 83 -3.08 -0.03 12.99
N SER A 84 -3.18 -1.26 12.47
CA SER A 84 -3.64 -2.41 13.24
C SER A 84 -2.62 -2.70 14.32
N TYR A 85 -1.39 -2.26 14.06
CA TYR A 85 -0.30 -2.29 15.01
C TYR A 85 -0.61 -1.28 16.10
N LYS A 86 -0.56 0.02 15.75
CA LYS A 86 -0.73 1.11 16.69
C LYS A 86 -2.00 0.94 17.53
N GLN A 87 -3.05 0.35 16.94
CA GLN A 87 -4.34 0.57 17.55
C GLN A 87 -4.78 -0.61 18.42
N SER A 88 -4.26 -1.81 18.12
CA SER A 88 -4.57 -2.97 18.93
C SER A 88 -3.32 -3.83 19.07
N ASN A 89 -2.18 -3.20 18.77
CA ASN A 89 -0.87 -3.77 19.03
C ASN A 89 -0.75 -5.14 18.35
N GLY A 90 -1.45 -5.32 17.24
CA GLY A 90 -1.45 -6.59 16.51
C GLY A 90 -2.80 -7.32 16.61
N ASN A 91 -3.57 -7.08 17.69
CA ASN A 91 -4.74 -7.90 18.00
C ASN A 91 -5.80 -7.92 16.88
N MET A 92 -6.16 -6.77 16.30
CA MET A 92 -7.29 -6.72 15.38
C MET A 92 -6.92 -5.98 14.09
N LEU A 93 -7.71 -6.16 13.03
CA LEU A 93 -7.51 -5.36 11.84
C LEU A 93 -8.30 -4.05 11.96
N CYS A 94 -7.60 -2.91 11.95
CA CYS A 94 -8.26 -1.61 12.14
C CYS A 94 -8.24 -0.79 10.85
N PHE A 95 -9.19 -1.09 9.96
CA PHE A 95 -9.22 -0.47 8.65
C PHE A 95 -9.57 1.00 8.77
N ALA A 96 -10.60 1.24 9.57
CA ALA A 96 -10.99 2.58 9.94
C ALA A 96 -11.35 2.53 11.42
N PRO A 97 -11.28 3.66 12.14
CA PRO A 97 -11.65 3.69 13.56
C PRO A 97 -13.04 3.08 13.77
N ASP A 98 -13.92 3.25 12.77
CA ASP A 98 -15.29 2.80 12.89
C ASP A 98 -15.43 1.34 12.43
N LEU A 99 -14.49 0.87 11.59
CA LEU A 99 -14.59 -0.48 11.04
C LEU A 99 -13.38 -1.32 11.43
N VAL A 100 -13.50 -1.99 12.58
CA VAL A 100 -12.44 -2.83 13.13
C VAL A 100 -12.89 -4.30 13.09
N ILE A 101 -11.97 -5.18 12.68
CA ILE A 101 -12.27 -6.60 12.57
C ILE A 101 -11.59 -7.33 13.73
N ASN A 102 -12.41 -7.70 14.71
CA ASN A 102 -11.96 -8.53 15.81
C ASN A 102 -11.99 -9.98 15.33
N GLU A 103 -11.44 -10.84 16.18
CA GLU A 103 -11.41 -12.26 15.91
C GLU A 103 -12.79 -12.72 15.40
N GLU A 104 -13.83 -12.10 15.96
CA GLU A 104 -15.20 -12.51 15.74
C GLU A 104 -15.59 -12.36 14.28
N ARG A 105 -15.21 -11.24 13.68
CA ARG A 105 -15.65 -10.95 12.32
C ARG A 105 -14.80 -11.75 11.32
N MET A 106 -13.75 -12.43 11.77
CA MET A 106 -12.99 -13.27 10.87
C MET A 106 -13.76 -14.57 10.60
N GLN A 107 -14.58 -14.97 11.58
CA GLN A 107 -15.41 -16.17 11.48
C GLN A 107 -16.39 -16.02 10.31
N LEU A 108 -16.56 -14.78 9.85
CA LEU A 108 -17.46 -14.45 8.75
C LEU A 108 -17.05 -15.21 7.50
N PRO A 109 -18.02 -15.70 6.70
CA PRO A 109 -17.76 -16.59 5.56
C PRO A 109 -16.36 -16.56 4.96
N TYR A 110 -16.14 -15.69 3.98
CA TYR A 110 -14.95 -15.95 3.20
C TYR A 110 -13.69 -15.21 3.70
N MET A 111 -13.79 -14.51 4.85
CA MET A 111 -12.89 -13.43 5.24
C MET A 111 -11.53 -13.96 5.68
N TYR A 112 -11.61 -15.05 6.43
CA TYR A 112 -10.55 -15.35 7.35
C TYR A 112 -9.21 -15.33 6.62
N ASP A 113 -9.10 -16.25 5.68
CA ASP A 113 -8.00 -16.33 4.76
C ASP A 113 -7.29 -14.99 4.57
N GLN A 114 -7.98 -14.04 3.93
CA GLN A 114 -7.36 -12.76 3.68
C GLN A 114 -6.96 -12.17 5.02
N CYS A 115 -7.95 -12.18 5.92
CA CYS A 115 -7.84 -11.45 7.15
C CYS A 115 -6.62 -11.93 7.93
N GLN A 116 -6.27 -13.21 7.80
CA GLN A 116 -5.07 -13.65 8.47
C GLN A 116 -3.82 -13.08 7.80
N GLN A 117 -3.84 -12.96 6.47
CA GLN A 117 -2.62 -12.52 5.83
C GLN A 117 -2.48 -11.01 5.85
N MET A 118 -3.52 -10.30 6.29
CA MET A 118 -3.38 -8.87 6.54
C MET A 118 -2.71 -8.69 7.90
N LEU A 119 -3.13 -9.50 8.87
CA LEU A 119 -2.57 -9.48 10.22
C LEU A 119 -1.06 -9.77 10.22
N LYS A 120 -0.65 -10.74 9.39
CA LYS A 120 0.75 -11.06 9.19
C LYS A 120 1.53 -9.77 9.02
N ILE A 121 1.01 -8.88 8.16
CA ILE A 121 1.67 -7.62 7.90
C ILE A 121 1.74 -6.83 9.21
N SER A 122 0.62 -6.63 9.90
CA SER A 122 0.68 -5.97 11.19
C SER A 122 1.67 -6.70 12.10
N SER A 123 1.63 -8.04 12.03
CA SER A 123 2.44 -8.89 12.90
C SER A 123 3.91 -8.50 12.79
N GLU A 124 4.29 -8.11 11.57
CA GLU A 124 5.67 -7.80 11.28
C GLU A 124 6.01 -6.46 11.91
N PHE A 125 5.03 -5.57 12.07
CA PHE A 125 5.32 -4.32 12.76
C PHE A 125 5.54 -4.63 14.22
N VAL A 126 4.87 -5.67 14.69
CA VAL A 126 4.93 -5.96 16.12
C VAL A 126 6.24 -6.66 16.42
N ARG A 127 6.70 -7.47 15.47
CA ARG A 127 7.91 -8.25 15.69
C ARG A 127 9.12 -7.34 15.69
N LEU A 128 9.12 -6.36 14.77
CA LEU A 128 10.30 -5.54 14.55
C LEU A 128 10.26 -4.29 15.42
N GLN A 129 9.09 -4.09 16.04
CA GLN A 129 8.79 -2.88 16.77
C GLN A 129 9.30 -1.75 15.89
N VAL A 130 8.51 -1.44 14.86
CA VAL A 130 8.89 -0.38 13.94
C VAL A 130 8.47 0.97 14.53
N SER A 131 9.37 1.94 14.39
CA SER A 131 9.14 3.33 14.76
C SER A 131 8.42 4.04 13.62
N TYR A 132 7.66 5.08 13.99
CA TYR A 132 6.80 5.77 13.04
C TYR A 132 7.64 6.41 11.92
N ASP A 133 8.83 6.88 12.27
CA ASP A 133 9.70 7.42 11.24
C ASP A 133 10.14 6.30 10.30
N GLU A 134 10.53 5.15 10.88
CA GLU A 134 10.98 3.99 10.12
C GLU A 134 9.88 3.59 9.14
N TYR A 135 8.66 3.51 9.69
CA TYR A 135 7.45 3.22 8.94
C TYR A 135 7.35 4.11 7.70
N LEU A 136 7.26 5.43 7.92
CA LEU A 136 6.98 6.33 6.82
C LEU A 136 7.94 6.03 5.69
N CYS A 137 9.15 5.64 6.08
CA CYS A 137 10.27 5.64 5.17
C CYS A 137 10.04 4.52 4.17
N MET A 138 9.77 3.33 4.72
CA MET A 138 9.50 2.16 3.91
C MET A 138 8.25 2.45 3.06
N LYS A 139 7.20 2.93 3.72
CA LYS A 139 5.97 3.20 3.01
C LYS A 139 6.32 3.89 1.69
N VAL A 140 7.30 4.79 1.72
CA VAL A 140 7.59 5.53 0.50
C VAL A 140 8.21 4.55 -0.47
N LEU A 141 9.11 3.72 0.05
CA LEU A 141 9.88 2.81 -0.75
C LEU A 141 8.96 1.84 -1.50
N LEU A 142 7.92 1.39 -0.78
CA LEU A 142 6.98 0.39 -1.26
C LEU A 142 6.35 0.83 -2.56
N LEU A 143 6.23 2.16 -2.71
CA LEU A 143 5.67 2.77 -3.90
C LEU A 143 6.64 2.55 -5.06
N LEU A 144 7.94 2.57 -4.71
CA LEU A 144 9.02 2.45 -5.67
C LEU A 144 9.60 1.05 -5.59
N SER A 145 8.74 0.06 -5.50
CA SER A 145 9.26 -1.28 -5.32
C SER A 145 8.54 -2.25 -6.24
N THR A 146 7.58 -1.73 -7.03
CA THR A 146 6.80 -2.61 -7.87
C THR A 146 6.72 -2.02 -9.27
N VAL A 147 7.58 -2.57 -10.14
CA VAL A 147 7.88 -2.01 -11.45
C VAL A 147 7.72 -3.11 -12.48
N PRO A 148 7.58 -2.76 -13.78
CA PRO A 148 7.55 -3.77 -14.85
C PRO A 148 8.82 -4.62 -14.92
N LYS A 149 8.73 -5.75 -15.63
CA LYS A 149 9.89 -6.63 -15.82
C LYS A 149 10.92 -5.93 -16.71
N ASP A 150 10.44 -5.11 -17.65
CA ASP A 150 11.23 -4.27 -18.55
C ASP A 150 11.05 -2.81 -18.15
N GLY A 151 11.97 -2.33 -17.30
CA GLY A 151 11.79 -1.19 -16.41
C GLY A 151 11.20 0.06 -17.08
N LEU A 152 11.74 1.20 -16.71
CA LEU A 152 10.86 2.34 -16.53
C LEU A 152 10.96 3.33 -17.70
N LYS A 153 9.90 4.14 -17.83
CA LYS A 153 9.73 5.13 -18.87
C LYS A 153 10.58 6.38 -18.60
N SER A 154 11.35 6.38 -17.50
CA SER A 154 12.29 7.43 -17.14
C SER A 154 13.26 6.90 -16.08
N GLN A 155 14.07 5.94 -16.54
CA GLN A 155 14.70 4.95 -15.69
C GLN A 155 15.61 5.62 -14.67
N ALA A 156 16.49 6.49 -15.18
CA ALA A 156 17.52 7.16 -14.42
C ALA A 156 16.94 7.81 -13.17
N VAL A 157 15.88 8.60 -13.41
CA VAL A 157 15.31 9.49 -12.41
C VAL A 157 14.95 8.70 -11.16
N PHE A 158 14.07 7.70 -11.35
CA PHE A 158 13.68 6.74 -10.33
C PHE A 158 14.91 6.34 -9.52
N ASP A 159 15.94 5.96 -10.27
CA ASP A 159 17.02 5.17 -9.72
C ASP A 159 17.55 5.91 -8.51
N GLU A 160 17.72 7.23 -8.68
CA GLU A 160 18.34 8.09 -7.69
C GLU A 160 17.40 8.20 -6.49
N ILE A 161 16.16 8.58 -6.80
CA ILE A 161 15.09 8.69 -5.83
C ILE A 161 15.07 7.49 -4.88
N ARG A 162 15.08 6.27 -5.44
CA ARG A 162 15.00 5.06 -4.64
C ARG A 162 16.03 5.09 -3.51
N MET A 163 17.32 5.29 -3.85
CA MET A 163 18.39 5.30 -2.86
C MET A 163 18.22 6.52 -1.94
N THR A 164 17.69 7.62 -2.51
CA THR A 164 17.35 8.78 -1.71
C THR A 164 16.59 8.35 -0.46
N TYR A 165 15.49 7.62 -0.67
CA TYR A 165 14.56 7.31 0.40
C TYR A 165 15.07 6.13 1.24
N ILE A 166 15.97 5.34 0.63
CA ILE A 166 16.67 4.34 1.41
C ILE A 166 17.61 5.05 2.38
N LYS A 167 18.24 6.12 1.87
CA LYS A 167 19.08 7.00 2.67
C LYS A 167 18.27 7.37 3.91
N GLU A 168 17.07 7.91 3.64
CA GLU A 168 16.18 8.44 4.65
C GLU A 168 15.84 7.35 5.66
N LEU A 169 15.79 6.09 5.20
CA LEU A 169 15.53 4.97 6.09
C LEU A 169 16.76 4.68 6.94
N GLY A 170 17.95 4.94 6.37
CA GLY A 170 19.15 4.88 7.19
C GLY A 170 18.91 5.77 8.40
N LYS A 171 19.01 7.07 8.11
CA LYS A 171 18.71 8.19 9.00
C LYS A 171 17.73 7.75 10.09
N ALA A 172 16.62 7.14 9.65
CA ALA A 172 15.55 6.77 10.56
C ALA A 172 16.06 5.84 11.66
N ILE A 173 16.87 4.83 11.27
CA ILE A 173 17.35 3.92 12.30
C ILE A 173 18.60 4.47 12.97
N VAL A 174 19.30 5.39 12.29
CA VAL A 174 20.41 6.12 12.91
C VAL A 174 19.91 6.68 14.24
N LYS A 175 18.69 7.21 14.26
CA LYS A 175 18.05 7.55 15.52
C LYS A 175 17.82 6.25 16.31
N SER A 180 24.14 4.23 15.98
CA SER A 180 24.98 3.22 16.70
C SER A 180 25.68 2.28 15.71
N SER A 181 25.36 0.99 15.82
CA SER A 181 25.91 -0.05 14.96
C SER A 181 24.73 -0.75 14.29
N GLN A 182 23.92 0.07 13.59
CA GLN A 182 22.58 -0.27 13.17
C GLN A 182 22.37 0.16 11.71
N ASN A 183 23.15 1.16 11.26
CA ASN A 183 22.94 1.98 10.06
C ASN A 183 23.28 1.22 8.78
N TRP A 184 24.04 0.14 8.97
CA TRP A 184 23.81 -1.12 8.29
C TRP A 184 23.88 -2.22 9.35
N GLN A 185 22.69 -2.70 9.73
CA GLN A 185 22.47 -3.84 10.62
C GLN A 185 20.96 -4.05 10.84
N ARG A 186 20.26 -2.96 11.22
CA ARG A 186 18.82 -2.99 11.39
C ARG A 186 18.16 -2.99 10.02
N PHE A 187 18.85 -2.38 9.04
CA PHE A 187 18.45 -2.33 7.65
C PHE A 187 18.10 -3.74 7.16
N TYR A 188 18.77 -4.74 7.73
CA TYR A 188 18.57 -6.11 7.29
C TYR A 188 17.17 -6.58 7.70
N GLN A 189 16.90 -6.48 9.00
CA GLN A 189 15.59 -6.76 9.57
C GLN A 189 14.50 -5.98 8.82
N LEU A 190 14.82 -4.76 8.38
CA LEU A 190 13.74 -3.94 7.85
C LEU A 190 13.66 -4.03 6.34
N THR A 191 14.78 -4.28 5.67
CA THR A 191 14.67 -4.44 4.24
C THR A 191 14.15 -5.83 3.92
N LYS A 192 14.35 -6.75 4.88
CA LYS A 192 13.79 -8.10 4.80
C LYS A 192 12.27 -8.04 4.73
N LEU A 193 11.71 -7.00 5.36
CA LEU A 193 10.28 -6.77 5.39
C LEU A 193 9.84 -6.30 4.01
N LEU A 194 10.45 -5.21 3.56
CA LEU A 194 10.25 -4.67 2.22
C LEU A 194 10.34 -5.78 1.19
N ASP A 195 11.05 -6.84 1.54
CA ASP A 195 11.11 -7.98 0.64
C ASP A 195 9.80 -8.74 0.76
N SER A 196 9.56 -9.23 1.98
CA SER A 196 8.44 -10.12 2.25
C SER A 196 7.09 -9.48 1.91
N MET A 197 7.11 -8.16 1.67
CA MET A 197 5.86 -7.54 1.24
C MET A 197 5.43 -8.16 -0.08
N HIS A 198 6.07 -7.75 -1.16
CA HIS A 198 5.80 -8.34 -2.47
C HIS A 198 5.09 -9.69 -2.39
N GLU A 199 5.55 -10.57 -1.49
CA GLU A 199 5.06 -11.94 -1.34
C GLU A 199 3.68 -11.96 -0.67
N MET A 200 3.57 -11.27 0.47
CA MET A 200 2.32 -11.25 1.21
C MET A 200 1.21 -10.46 0.50
N VAL A 201 1.57 -9.37 -0.21
CA VAL A 201 0.66 -8.57 -1.01
C VAL A 201 0.01 -9.47 -2.05
N GLY A 202 0.87 -10.28 -2.65
CA GLY A 202 0.58 -11.29 -3.65
C GLY A 202 -0.79 -11.95 -3.46
N GLY A 203 -1.06 -12.38 -2.21
CA GLY A 203 -2.33 -12.98 -1.79
C GLY A 203 -3.54 -12.06 -1.93
N LEU A 204 -3.58 -11.03 -1.07
CA LEU A 204 -4.56 -9.96 -1.11
C LEU A 204 -4.75 -9.46 -2.53
N LEU A 205 -3.63 -9.22 -3.22
CA LEU A 205 -3.79 -8.70 -4.56
C LEU A 205 -4.61 -9.67 -5.41
N GLN A 206 -4.37 -10.96 -5.24
CA GLN A 206 -5.03 -11.95 -6.07
C GLN A 206 -6.53 -11.94 -5.79
N PHE A 207 -6.89 -12.40 -4.60
CA PHE A 207 -8.26 -12.37 -4.11
C PHE A 207 -9.04 -11.24 -4.74
N CYS A 208 -8.57 -10.03 -4.42
CA CYS A 208 -9.10 -8.81 -4.96
C CYS A 208 -9.45 -8.99 -6.43
N PHE A 209 -8.49 -9.49 -7.21
CA PHE A 209 -8.68 -9.76 -8.63
C PHE A 209 -9.85 -10.69 -8.86
N TYR A 210 -9.84 -11.80 -8.10
CA TYR A 210 -10.84 -12.82 -8.24
C TYR A 210 -12.23 -12.17 -8.13
N THR A 211 -12.43 -11.46 -7.02
CA THR A 211 -13.67 -10.81 -6.61
C THR A 211 -14.06 -9.75 -7.62
N PHE A 212 -13.11 -9.33 -8.46
CA PHE A 212 -13.37 -8.18 -9.30
C PHE A 212 -14.05 -8.64 -10.58
N VAL A 213 -13.50 -9.71 -11.17
CA VAL A 213 -13.96 -10.18 -12.46
C VAL A 213 -15.14 -11.11 -12.30
N ASN A 214 -15.34 -11.65 -11.09
CA ASN A 214 -16.36 -12.63 -10.75
C ASN A 214 -17.67 -11.97 -10.37
N LYS A 215 -18.37 -11.46 -11.40
CA LYS A 215 -19.59 -10.65 -11.39
C LYS A 215 -20.61 -11.21 -10.40
N SER A 216 -20.79 -12.51 -10.47
CA SER A 216 -21.88 -13.15 -9.78
C SER A 216 -21.55 -13.33 -8.31
N LEU A 217 -20.65 -12.49 -7.78
CA LEU A 217 -20.51 -12.48 -6.34
C LEU A 217 -21.20 -11.30 -5.67
N SER A 218 -21.62 -10.32 -6.47
CA SER A 218 -22.32 -9.17 -5.91
C SER A 218 -21.36 -8.27 -5.14
N VAL A 219 -20.04 -8.45 -5.34
CA VAL A 219 -19.08 -7.65 -4.58
C VAL A 219 -18.90 -6.34 -5.32
N GLU A 220 -18.93 -5.23 -4.57
CA GLU A 220 -19.00 -3.94 -5.20
C GLU A 220 -17.65 -3.23 -5.09
N PHE A 221 -17.14 -2.70 -6.22
CA PHE A 221 -15.92 -1.91 -6.18
C PHE A 221 -16.20 -0.54 -6.78
N PRO A 222 -15.58 0.54 -6.23
CA PRO A 222 -15.83 1.90 -6.70
C PRO A 222 -15.01 2.34 -7.91
N GLU A 223 -15.66 3.07 -8.83
CA GLU A 223 -15.13 3.73 -10.02
C GLU A 223 -13.61 3.76 -10.03
N MET A 224 -13.04 4.51 -9.09
CA MET A 224 -11.61 4.71 -8.97
C MET A 224 -10.86 3.39 -9.19
N LEU A 225 -11.11 2.41 -8.30
CA LEU A 225 -10.40 1.16 -8.18
C LEU A 225 -10.69 0.23 -9.36
N ALA A 226 -11.98 0.15 -9.72
CA ALA A 226 -12.39 -0.57 -10.91
C ALA A 226 -11.38 -0.24 -12.01
N GLU A 227 -11.28 1.06 -12.32
CA GLU A 227 -10.54 1.59 -13.46
C GLU A 227 -9.11 1.05 -13.48
N ILE A 228 -8.58 0.77 -12.29
CA ILE A 228 -7.16 0.52 -12.10
C ILE A 228 -6.96 -0.98 -12.06
N ILE A 229 -7.89 -1.66 -11.37
CA ILE A 229 -7.82 -3.10 -11.34
C ILE A 229 -8.04 -3.64 -12.75
N SER A 230 -9.09 -3.14 -13.40
CA SER A 230 -9.50 -3.66 -14.69
C SER A 230 -8.39 -3.41 -15.70
N ASN A 231 -7.43 -2.56 -15.31
CA ASN A 231 -6.39 -2.17 -16.24
C ASN A 231 -5.12 -2.94 -15.87
N GLN A 232 -4.89 -3.08 -14.57
CA GLN A 232 -3.72 -3.73 -14.01
C GLN A 232 -3.86 -5.25 -14.12
N LEU A 233 -5.09 -5.71 -14.40
CA LEU A 233 -5.45 -7.11 -14.48
C LEU A 233 -4.48 -7.85 -15.40
N PRO A 234 -4.58 -7.61 -16.73
CA PRO A 234 -3.77 -8.33 -17.74
C PRO A 234 -2.25 -8.24 -17.55
N LYS A 235 -1.80 -7.07 -17.11
CA LYS A 235 -0.42 -6.76 -16.83
C LYS A 235 0.09 -7.72 -15.76
N PHE A 236 -0.76 -8.06 -14.79
CA PHE A 236 -0.38 -8.96 -13.72
C PHE A 236 -0.67 -10.40 -14.08
N LYS A 237 -1.48 -10.60 -15.14
CA LYS A 237 -1.70 -11.93 -15.68
C LYS A 237 -0.37 -12.49 -16.16
N ALA A 238 0.34 -11.69 -16.97
CA ALA A 238 1.62 -12.07 -17.55
C ALA A 238 2.65 -12.42 -16.46
N GLY A 239 2.50 -11.80 -15.28
CA GLY A 239 3.52 -11.89 -14.25
C GLY A 239 4.73 -11.05 -14.64
N SER A 240 4.45 -9.97 -15.40
CA SER A 240 5.44 -9.10 -15.99
C SER A 240 5.69 -7.91 -15.06
N VAL A 241 6.05 -8.23 -13.81
CA VAL A 241 6.19 -7.26 -12.74
C VAL A 241 7.39 -7.65 -11.89
N LYS A 242 8.32 -6.71 -11.74
CA LYS A 242 9.58 -6.95 -11.06
C LYS A 242 9.48 -6.44 -9.62
N PRO A 243 9.47 -7.32 -8.60
CA PRO A 243 9.68 -6.91 -7.20
C PRO A 243 11.15 -6.65 -6.83
N LEU A 244 11.55 -5.36 -6.81
CA LEU A 244 12.91 -4.97 -6.46
C LEU A 244 13.16 -5.23 -4.97
N LEU A 245 14.13 -6.09 -4.67
CA LEU A 245 14.40 -6.42 -3.27
C LEU A 245 15.77 -5.88 -2.87
N PHE A 246 16.30 -6.50 -1.80
CA PHE A 246 17.54 -6.08 -1.20
C PHE A 246 18.40 -7.33 -1.00
N HIS A 247 17.70 -8.46 -0.88
CA HIS A 247 18.34 -9.71 -0.53
C HIS A 247 17.86 -10.81 -1.50
N SER B 1 -6.99 1.17 -22.48
CA SER B 1 -7.28 2.48 -21.82
C SER B 1 -6.79 2.46 -20.38
N ARG B 2 -5.63 3.08 -20.16
CA ARG B 2 -5.13 3.31 -18.82
C ARG B 2 -6.18 4.13 -18.05
N PRO B 3 -6.22 4.07 -16.70
CA PRO B 3 -7.41 4.44 -15.92
C PRO B 3 -7.67 5.94 -15.78
N ALA B 4 -8.94 6.32 -16.01
CA ALA B 4 -9.39 7.67 -16.32
C ALA B 4 -9.11 8.62 -15.16
N ILE B 5 -9.74 8.31 -14.02
CA ILE B 5 -9.57 9.06 -12.80
C ILE B 5 -8.09 9.04 -12.43
N LEU B 6 -7.48 7.87 -12.22
CA LEU B 6 -6.10 7.95 -11.76
C LEU B 6 -5.30 8.91 -12.63
N TYR B 7 -5.56 8.90 -13.92
CA TYR B 7 -4.76 9.71 -14.81
C TYR B 7 -4.97 11.20 -14.51
N ALA B 8 -6.23 11.62 -14.61
CA ALA B 8 -6.60 13.02 -14.53
C ALA B 8 -5.97 13.67 -13.31
N LEU B 9 -5.85 12.90 -12.22
CA LEU B 9 -5.28 13.44 -10.99
C LEU B 9 -3.82 13.77 -11.16
N LEU B 10 -3.16 13.15 -12.13
CA LEU B 10 -1.72 13.30 -12.16
C LEU B 10 -1.33 14.37 -13.17
N SER B 11 -2.29 14.69 -14.05
CA SER B 11 -2.05 15.44 -15.28
C SER B 11 -2.73 16.80 -15.20
N SER B 12 -4.02 16.77 -14.82
CA SER B 12 -4.90 17.92 -14.72
C SER B 12 -5.27 18.47 -16.10
N SER B 13 -5.12 19.78 -16.26
CA SER B 13 -5.47 20.52 -17.47
C SER B 13 -6.80 20.04 -18.06
#